data_4LUN
#
_entry.id   4LUN
#
_cell.length_a   41.813
_cell.length_b   50.927
_cell.length_c   71.993
_cell.angle_alpha   90.00
_cell.angle_beta   99.96
_cell.angle_gamma   90.00
#
_symmetry.space_group_name_H-M   'P 1 21 1'
#
loop_
_entity.id
_entity.type
_entity.pdbx_description
1 polymer 'Nonsense-mediated mRNA decay protein 2'
2 non-polymer 'CHLORIDE ION'
3 water water
#
_entity_poly.entity_id   1
_entity_poly.type   'polypeptide(L)'
_entity_poly.pdbx_seq_one_letter_code
;MDDGRKKELHDLNTRAWNGEEVFPLKSKKLDSSIKRNTGFIKKLKKGFVKGSESSLLKDLSEASLEKYLSEIIVTVTECL
LNVLNKNDDVIAAVEIISGLHQRFNGRFTSPLLGAFLQAFENPSVDIESERDELQRITRVKGNLRVFTELYLVGVFRTLD
DIESKDAIPNFLQKKTGRKDPLLFSILREILNYKFKLGFTTTIATAFIKKFAPLFRDDDNSWDDLIYDSKLKGALQSLFK
NFIDATFARATELHKKVNKLQREHQKCQIRTGKLRDEYVEEYDKLLPIFIRFKTSAITLGEFFKLEIPELHHHHHH
;
_entity_poly.pdbx_strand_id   U
#
# COMPACT_ATOMS: atom_id res chain seq x y z
N MET A 1 -11.05 10.22 10.47
CA MET A 1 -10.00 10.66 11.38
C MET A 1 -9.25 11.88 10.84
N ASP A 2 -9.31 12.98 11.59
CA ASP A 2 -8.65 14.21 11.18
C ASP A 2 -7.19 14.23 11.60
N ASP A 3 -6.44 15.21 11.11
CA ASP A 3 -5.01 15.30 11.43
C ASP A 3 -4.77 15.46 12.93
N GLY A 4 -5.71 16.10 13.62
CA GLY A 4 -5.61 16.27 15.06
C GLY A 4 -5.60 14.94 15.79
N ARG A 5 -6.51 14.05 15.40
CA ARG A 5 -6.59 12.73 16.01
C ARG A 5 -5.38 11.87 15.62
N LYS A 6 -4.91 12.02 14.38
CA LYS A 6 -3.68 11.34 13.96
C LYS A 6 -2.54 11.73 14.88
N LYS A 7 -2.42 13.02 15.16
CA LYS A 7 -1.34 13.52 16.01
C LYS A 7 -1.49 13.07 17.47
N GLU A 8 -2.73 13.04 17.96
CA GLU A 8 -3.00 12.51 19.29
C GLU A 8 -2.51 11.08 19.44
N LEU A 9 -2.89 10.24 18.47
CA LEU A 9 -2.49 8.84 18.46
C LEU A 9 -0.98 8.70 18.27
N HIS A 10 -0.42 9.51 17.39
CA HIS A 10 1.02 9.50 17.14
C HIS A 10 1.78 9.74 18.44
N ASP A 11 1.33 10.71 19.22
CA ASP A 11 1.99 11.01 20.51
C ASP A 11 1.90 9.82 21.47
N LEU A 12 0.72 9.24 21.60
CA LEU A 12 0.53 8.06 22.43
C LEU A 12 1.31 6.87 21.92
N ASN A 13 1.29 6.64 20.61
CA ASN A 13 1.98 5.48 20.06
C ASN A 13 3.49 5.63 20.17
N THR A 14 3.97 6.87 20.11
CA THR A 14 5.40 7.12 20.20
C THR A 14 5.84 6.90 21.66
N ARG A 15 5.02 7.34 22.60
CA ARG A 15 5.31 7.09 24.01
C ARG A 15 5.33 5.59 24.33
N ALA A 16 4.40 4.84 23.76
CA ALA A 16 4.39 3.39 23.93
C ALA A 16 5.65 2.73 23.37
N TRP A 17 6.10 3.19 22.20
CA TRP A 17 7.34 2.68 21.64
C TRP A 17 8.49 3.01 22.60
N ASN A 18 8.35 4.13 23.31
CA ASN A 18 9.40 4.60 24.20
C ASN A 18 9.36 3.91 25.56
N GLY A 19 8.44 2.97 25.72
CA GLY A 19 8.39 2.13 26.89
C GLY A 19 7.41 2.56 27.95
N GLU A 20 6.63 3.60 27.66
CA GLU A 20 5.65 4.06 28.63
C GLU A 20 4.42 3.18 28.61
N GLU A 21 3.72 3.14 29.75
CA GLU A 21 2.36 2.60 29.77
C GLU A 21 1.45 3.81 29.65
N VAL A 22 0.88 4.01 28.46
CA VAL A 22 0.04 5.16 28.23
C VAL A 22 -1.44 4.78 28.20
N PHE A 23 -1.69 3.48 28.11
CA PHE A 23 -3.07 2.99 28.09
C PHE A 23 -3.58 2.80 29.51
N PRO A 24 -4.67 3.49 29.86
CA PRO A 24 -5.27 3.42 31.20
C PRO A 24 -6.31 2.30 31.33
N LYS A 29 -7.93 -5.58 39.81
CA LYS A 29 -7.32 -6.66 39.04
C LYS A 29 -7.97 -6.76 37.66
N LEU A 30 -7.18 -7.17 36.67
CA LEU A 30 -7.71 -7.39 35.32
C LEU A 30 -8.35 -8.77 35.20
N ASP A 31 -9.31 -8.88 34.28
CA ASP A 31 -10.02 -10.13 33.99
C ASP A 31 -9.12 -11.00 33.11
N SER A 32 -8.56 -12.06 33.68
CA SER A 32 -7.69 -12.95 32.92
C SER A 32 -8.37 -14.27 32.59
N SER A 33 -9.69 -14.33 32.78
CA SER A 33 -10.44 -15.56 32.57
C SER A 33 -10.38 -16.05 31.12
N ILE A 34 -10.50 -17.35 30.95
CA ILE A 34 -10.51 -17.94 29.62
C ILE A 34 -11.68 -17.39 28.80
N LYS A 35 -12.86 -17.30 29.42
CA LYS A 35 -14.05 -16.77 28.73
C LYS A 35 -13.80 -15.36 28.20
N ARG A 36 -13.22 -14.51 29.03
CA ARG A 36 -12.99 -13.12 28.65
C ARG A 36 -12.00 -13.02 27.51
N ASN A 37 -10.94 -13.82 27.59
CA ASN A 37 -9.85 -13.72 26.63
C ASN A 37 -10.21 -14.35 25.30
N THR A 38 -10.90 -15.48 25.34
CA THR A 38 -11.39 -16.08 24.09
C THR A 38 -12.50 -15.22 23.50
N GLY A 39 -13.24 -14.51 24.35
CA GLY A 39 -14.28 -13.62 23.89
C GLY A 39 -13.68 -12.44 23.14
N PHE A 40 -12.47 -12.06 23.54
CA PHE A 40 -11.75 -11.00 22.84
C PHE A 40 -11.32 -11.45 21.43
N ILE A 41 -10.76 -12.66 21.34
CA ILE A 41 -10.34 -13.22 20.06
C ILE A 41 -11.52 -13.32 19.08
N LYS A 42 -12.66 -13.78 19.59
CA LYS A 42 -13.86 -13.89 18.77
C LYS A 42 -14.31 -12.54 18.24
N LYS A 43 -14.17 -11.51 19.07
CA LYS A 43 -14.53 -10.16 18.65
C LYS A 43 -13.58 -9.67 17.54
N LEU A 44 -12.28 -9.94 17.71
CA LEU A 44 -11.28 -9.58 16.69
C LEU A 44 -11.60 -10.24 15.36
N LYS A 45 -11.96 -11.52 15.42
CA LYS A 45 -12.19 -12.36 14.25
C LYS A 45 -13.40 -11.95 13.43
N LYS A 46 -14.26 -11.10 13.98
CA LYS A 46 -15.39 -10.63 13.19
C LYS A 46 -14.92 -9.56 12.20
N GLY A 47 -13.69 -9.09 12.39
CA GLY A 47 -13.07 -8.18 11.44
C GLY A 47 -13.04 -6.74 11.91
N PHE A 48 -12.17 -5.94 11.30
CA PHE A 48 -12.05 -4.54 11.65
C PHE A 48 -13.01 -3.74 10.78
N VAL A 49 -14.20 -3.48 11.31
CA VAL A 49 -15.20 -2.67 10.62
C VAL A 49 -15.64 -1.54 11.53
N LYS A 50 -16.37 -0.59 10.96
CA LYS A 50 -16.79 0.61 11.67
C LYS A 50 -17.59 0.28 12.93
N GLY A 51 -17.25 0.94 14.03
CA GLY A 51 -17.96 0.78 15.28
C GLY A 51 -17.42 -0.31 16.19
N SER A 52 -16.76 -1.31 15.59
CA SER A 52 -16.22 -2.43 16.36
C SER A 52 -15.07 -2.01 17.28
N GLU A 53 -14.53 -0.83 17.04
CA GLU A 53 -13.39 -0.32 17.80
C GLU A 53 -13.67 -0.10 19.29
N SER A 54 -14.79 0.55 19.59
CA SER A 54 -15.09 0.95 20.97
C SER A 54 -15.27 -0.24 21.93
N SER A 55 -15.94 -1.29 21.46
CA SER A 55 -16.16 -2.47 22.27
C SER A 55 -14.83 -3.17 22.58
N LEU A 56 -13.97 -3.27 21.58
CA LEU A 56 -12.67 -3.89 21.75
C LEU A 56 -11.76 -3.07 22.66
N LEU A 57 -11.90 -1.75 22.61
CA LEU A 57 -11.09 -0.89 23.46
C LEU A 57 -11.47 -1.05 24.93
N LYS A 58 -12.75 -1.35 25.17
CA LYS A 58 -13.22 -1.59 26.54
C LYS A 58 -12.55 -2.84 27.11
N ASP A 59 -12.49 -3.90 26.29
CA ASP A 59 -11.83 -5.14 26.69
C ASP A 59 -10.36 -4.92 27.00
N LEU A 60 -9.69 -4.10 26.20
CA LEU A 60 -8.28 -3.78 26.43
C LEU A 60 -8.08 -3.06 27.75
N SER A 61 -9.12 -2.38 28.22
CA SER A 61 -9.04 -1.69 29.50
C SER A 61 -9.60 -2.53 30.64
N GLU A 62 -10.11 -3.71 30.32
CA GLU A 62 -10.70 -4.57 31.35
C GLU A 62 -10.05 -5.96 31.41
N ALA A 63 -9.64 -6.46 30.26
CA ALA A 63 -9.09 -7.82 30.18
C ALA A 63 -7.58 -7.83 30.26
N SER A 64 -7.06 -8.85 30.93
CA SER A 64 -5.64 -9.17 30.90
C SER A 64 -5.44 -10.21 29.82
N LEU A 65 -4.85 -9.78 28.72
CA LEU A 65 -4.77 -10.57 27.50
C LEU A 65 -3.37 -11.13 27.26
N GLU A 66 -2.47 -10.93 28.22
CA GLU A 66 -1.05 -11.28 28.06
C GLU A 66 -0.77 -12.72 27.60
N LYS A 67 -1.46 -13.70 28.18
CA LYS A 67 -1.17 -15.09 27.85
C LYS A 67 -1.78 -15.48 26.51
N TYR A 68 -2.65 -14.64 25.97
CA TYR A 68 -3.23 -14.87 24.64
C TYR A 68 -2.57 -14.01 23.57
N LEU A 69 -1.49 -13.33 23.94
CA LEU A 69 -0.81 -12.40 23.01
C LEU A 69 -0.44 -13.00 21.65
N SER A 70 0.23 -14.15 21.66
CA SER A 70 0.65 -14.80 20.41
C SER A 70 -0.54 -15.02 19.48
N GLU A 71 -1.62 -15.57 20.05
CA GLU A 71 -2.84 -15.79 19.31
C GLU A 71 -3.45 -14.48 18.80
N ILE A 72 -3.34 -13.42 19.60
CA ILE A 72 -3.86 -12.11 19.21
C ILE A 72 -3.08 -11.58 18.01
N ILE A 73 -1.76 -11.75 18.05
CA ILE A 73 -0.89 -11.31 16.97
C ILE A 73 -1.25 -11.99 15.64
N VAL A 74 -1.36 -13.32 15.65
CA VAL A 74 -1.77 -14.06 14.46
C VAL A 74 -3.18 -13.66 13.99
N THR A 75 -4.12 -13.57 14.92
CA THR A 75 -5.48 -13.18 14.59
C THR A 75 -5.56 -11.80 13.96
N VAL A 76 -4.91 -10.83 14.60
CA VAL A 76 -4.90 -9.47 14.09
C VAL A 76 -4.17 -9.36 12.74
N THR A 77 -3.11 -10.14 12.56
CA THR A 77 -2.37 -10.14 11.31
C THR A 77 -3.31 -10.50 10.16
N GLU A 78 -4.09 -11.55 10.37
CA GLU A 78 -5.06 -11.99 9.38
C GLU A 78 -6.15 -10.94 9.16
N CYS A 79 -6.67 -10.38 10.24
CA CYS A 79 -7.71 -9.34 10.13
C CYS A 79 -7.20 -8.09 9.42
N LEU A 80 -5.96 -7.69 9.72
CA LEU A 80 -5.40 -6.48 9.14
C LEU A 80 -5.20 -6.63 7.63
N LEU A 81 -4.72 -7.80 7.24
CA LEU A 81 -4.46 -8.06 5.82
C LEU A 81 -5.75 -8.14 5.03
N ASN A 82 -6.87 -8.35 5.72
CA ASN A 82 -8.14 -8.52 5.05
C ASN A 82 -9.12 -7.36 5.25
N VAL A 83 -8.62 -6.24 5.78
CA VAL A 83 -9.46 -5.05 5.93
C VAL A 83 -10.00 -4.62 4.56
N LEU A 84 -11.29 -4.34 4.49
CA LEU A 84 -11.93 -3.96 3.23
C LEU A 84 -11.40 -2.61 2.75
N ASN A 85 -11.68 -2.26 1.51
CA ASN A 85 -11.40 -0.90 1.05
C ASN A 85 -12.60 0.00 1.36
N LYS A 86 -12.74 0.31 2.64
CA LYS A 86 -13.78 1.22 3.10
C LYS A 86 -13.09 2.14 4.09
N ASN A 87 -13.21 3.44 3.88
CA ASN A 87 -12.48 4.39 4.71
C ASN A 87 -12.81 4.26 6.20
N ASP A 88 -14.07 3.96 6.50
CA ASP A 88 -14.51 3.83 7.89
C ASP A 88 -13.95 2.57 8.57
N ASP A 89 -13.79 1.51 7.80
CA ASP A 89 -13.22 0.27 8.32
C ASP A 89 -11.73 0.43 8.60
N VAL A 90 -11.03 1.14 7.71
CA VAL A 90 -9.62 1.47 7.93
C VAL A 90 -9.40 2.27 9.23
N ILE A 91 -10.25 3.27 9.48
CA ILE A 91 -10.14 4.04 10.71
C ILE A 91 -10.33 3.17 11.96
N ALA A 92 -11.31 2.28 11.91
CA ALA A 92 -11.53 1.34 13.01
C ALA A 92 -10.29 0.49 13.25
N ALA A 93 -9.69 0.00 12.17
CA ALA A 93 -8.49 -0.81 12.29
C ALA A 93 -7.36 -0.01 12.94
N VAL A 94 -7.23 1.26 12.56
CA VAL A 94 -6.20 2.12 13.12
C VAL A 94 -6.38 2.31 14.64
N GLU A 95 -7.61 2.56 15.07
CA GLU A 95 -7.87 2.76 16.49
C GLU A 95 -7.62 1.48 17.31
N ILE A 96 -8.05 0.35 16.76
CA ILE A 96 -7.85 -0.95 17.40
C ILE A 96 -6.38 -1.33 17.50
N ILE A 97 -5.63 -1.18 16.41
CA ILE A 97 -4.21 -1.49 16.44
C ILE A 97 -3.46 -0.54 17.38
N SER A 98 -3.85 0.73 17.39
CA SER A 98 -3.24 1.71 18.30
C SER A 98 -3.44 1.31 19.76
N GLY A 99 -4.64 0.86 20.09
CA GLY A 99 -4.95 0.39 21.44
C GLY A 99 -4.08 -0.78 21.84
N LEU A 100 -3.96 -1.75 20.95
CA LEU A 100 -3.16 -2.94 21.22
C LEU A 100 -1.70 -2.56 21.35
N HIS A 101 -1.23 -1.65 20.49
CA HIS A 101 0.14 -1.16 20.57
C HIS A 101 0.39 -0.42 21.89
N GLN A 102 -0.61 0.34 22.33
CA GLN A 102 -0.46 1.10 23.56
C GLN A 102 -0.44 0.20 24.79
N ARG A 103 -1.17 -0.91 24.72
CA ARG A 103 -1.19 -1.88 25.82
C ARG A 103 0.09 -2.70 25.88
N PHE A 104 0.57 -3.15 24.72
CA PHE A 104 1.67 -4.12 24.69
C PHE A 104 2.99 -3.66 24.06
N ASN A 105 3.02 -2.49 23.43
CA ASN A 105 4.23 -2.05 22.71
C ASN A 105 4.79 -3.12 21.75
N GLY A 106 6.11 -3.24 21.74
CA GLY A 106 6.87 -3.93 20.72
C GLY A 106 6.65 -5.42 20.72
N ARG A 107 6.38 -6.02 21.87
CA ARG A 107 6.13 -7.45 21.89
C ARG A 107 4.87 -7.81 21.10
N PHE A 108 3.97 -6.84 20.87
CA PHE A 108 2.85 -7.03 19.96
C PHE A 108 3.19 -6.49 18.57
N THR A 109 3.65 -5.25 18.51
CA THR A 109 3.84 -4.57 17.23
C THR A 109 4.98 -5.12 16.36
N SER A 110 6.08 -5.48 16.98
CA SER A 110 7.21 -6.06 16.24
C SER A 110 6.84 -7.29 15.41
N PRO A 111 6.31 -8.35 16.05
CA PRO A 111 5.95 -9.50 15.22
C PRO A 111 4.80 -9.22 14.24
N LEU A 112 3.88 -8.32 14.61
CA LEU A 112 2.79 -7.95 13.71
C LEU A 112 3.37 -7.27 12.47
N LEU A 113 4.27 -6.32 12.67
CA LEU A 113 4.83 -5.59 11.53
C LEU A 113 5.59 -6.53 10.61
N GLY A 114 6.40 -7.42 11.21
CA GLY A 114 7.19 -8.33 10.42
C GLY A 114 6.34 -9.25 9.55
N ALA A 115 5.23 -9.72 10.12
CA ALA A 115 4.32 -10.60 9.39
C ALA A 115 3.54 -9.80 8.36
N PHE A 116 3.12 -8.60 8.72
CA PHE A 116 2.33 -7.78 7.80
C PHE A 116 3.14 -7.41 6.54
N LEU A 117 4.44 -7.17 6.70
CA LEU A 117 5.29 -6.76 5.58
C LEU A 117 5.42 -7.84 4.51
N GLN A 118 5.12 -9.09 4.88
CA GLN A 118 5.17 -10.19 3.92
C GLN A 118 4.17 -9.94 2.79
N ALA A 119 3.16 -9.12 3.05
CA ALA A 119 2.13 -8.80 2.04
C ALA A 119 2.70 -8.05 0.84
N PHE A 120 3.89 -7.50 1.00
CA PHE A 120 4.52 -6.68 -0.01
C PHE A 120 5.61 -7.39 -0.80
N GLU A 121 5.93 -8.63 -0.42
CA GLU A 121 6.90 -9.39 -1.20
C GLU A 121 6.27 -9.71 -2.55
N ASN A 122 6.98 -9.40 -3.63
CA ASN A 122 6.46 -9.68 -4.97
C ASN A 122 6.35 -11.17 -5.20
N PRO A 123 5.40 -11.59 -6.04
CA PRO A 123 5.38 -12.99 -6.43
C PRO A 123 6.71 -13.32 -7.11
N SER A 124 7.14 -14.58 -7.02
CA SER A 124 8.37 -15.02 -7.63
C SER A 124 8.06 -15.88 -8.84
N VAL A 125 6.86 -15.73 -9.38
CA VAL A 125 6.44 -16.39 -10.61
C VAL A 125 5.87 -15.34 -11.55
N ASP A 126 5.64 -15.72 -12.79
CA ASP A 126 5.14 -14.79 -13.79
C ASP A 126 3.62 -14.70 -13.66
N ILE A 127 3.05 -13.69 -14.31
CA ILE A 127 1.59 -13.53 -14.35
C ILE A 127 1.00 -14.58 -15.29
N GLU A 128 0.03 -15.34 -14.78
CA GLU A 128 -0.63 -16.37 -15.57
C GLU A 128 -1.97 -15.87 -16.09
N SER A 129 -2.64 -15.10 -15.25
CA SER A 129 -3.96 -14.58 -15.53
C SER A 129 -3.98 -13.11 -15.18
N GLU A 130 -4.29 -12.25 -16.13
CA GLU A 130 -4.32 -10.82 -15.84
C GLU A 130 -5.53 -10.47 -15.01
N ARG A 131 -6.56 -11.30 -15.11
CA ARG A 131 -7.69 -11.19 -14.22
C ARG A 131 -7.26 -11.36 -12.77
N ASP A 132 -6.44 -12.38 -12.52
CA ASP A 132 -5.91 -12.61 -11.19
C ASP A 132 -4.96 -11.50 -10.77
N GLU A 133 -4.21 -10.97 -11.74
CA GLU A 133 -3.24 -9.91 -11.40
C GLU A 133 -3.97 -8.66 -10.94
N LEU A 134 -5.10 -8.33 -11.59
CA LEU A 134 -5.89 -7.19 -11.14
C LEU A 134 -6.37 -7.36 -9.70
N GLN A 135 -6.80 -8.58 -9.34
CA GLN A 135 -7.24 -8.88 -7.98
C GLN A 135 -6.08 -8.77 -7.00
N ARG A 136 -4.91 -9.25 -7.42
CA ARG A 136 -3.72 -9.20 -6.58
C ARG A 136 -3.31 -7.75 -6.30
N ILE A 137 -3.37 -6.93 -7.34
CA ILE A 137 -3.00 -5.51 -7.26
C ILE A 137 -3.96 -4.77 -6.34
N THR A 138 -5.25 -5.07 -6.48
CA THR A 138 -6.25 -4.51 -5.57
C THR A 138 -5.93 -4.83 -4.11
N ARG A 139 -5.50 -6.06 -3.85
CA ARG A 139 -5.18 -6.46 -2.49
C ARG A 139 -3.96 -5.70 -1.98
N VAL A 140 -2.93 -5.63 -2.81
CA VAL A 140 -1.69 -4.91 -2.45
C VAL A 140 -1.98 -3.45 -2.10
N LYS A 141 -2.85 -2.81 -2.88
CA LYS A 141 -3.16 -1.41 -2.68
C LYS A 141 -3.87 -1.22 -1.36
N GLY A 142 -4.76 -2.16 -1.02
CA GLY A 142 -5.43 -2.10 0.27
C GLY A 142 -4.46 -2.28 1.42
N ASN A 143 -3.56 -3.25 1.27
CA ASN A 143 -2.54 -3.49 2.28
C ASN A 143 -1.61 -2.29 2.42
N LEU A 144 -1.25 -1.68 1.31
CA LEU A 144 -0.41 -0.49 1.35
C LEU A 144 -1.13 0.66 2.04
N ARG A 145 -2.43 0.77 1.81
CA ARG A 145 -3.17 1.88 2.39
C ARG A 145 -3.20 1.73 3.91
N VAL A 146 -3.51 0.53 4.36
CA VAL A 146 -3.59 0.25 5.80
C VAL A 146 -2.23 0.42 6.47
N PHE A 147 -1.19 -0.07 5.80
CA PHE A 147 0.17 0.10 6.31
C PHE A 147 0.46 1.57 6.54
N THR A 148 0.12 2.39 5.54
CA THR A 148 0.48 3.79 5.55
C THR A 148 -0.28 4.54 6.65
N GLU A 149 -1.54 4.17 6.86
CA GLU A 149 -2.33 4.82 7.90
C GLU A 149 -1.73 4.51 9.28
N LEU A 150 -1.22 3.29 9.43
CA LEU A 150 -0.58 2.90 10.70
C LEU A 150 0.83 3.48 10.85
N TYR A 151 1.45 3.78 9.72
CA TYR A 151 2.71 4.49 9.74
C TYR A 151 2.47 5.90 10.23
N LEU A 152 1.43 6.54 9.72
CA LEU A 152 1.20 7.95 10.03
C LEU A 152 0.81 8.18 11.49
N VAL A 153 0.30 7.15 12.15
CA VAL A 153 0.02 7.25 13.59
C VAL A 153 1.14 6.68 14.45
N GLY A 154 2.29 6.36 13.85
CA GLY A 154 3.44 5.98 14.65
C GLY A 154 3.46 4.55 15.16
N VAL A 155 2.62 3.70 14.58
CA VAL A 155 2.64 2.29 14.97
C VAL A 155 3.71 1.53 14.19
N PHE A 156 3.62 1.63 12.86
CA PHE A 156 4.56 0.99 11.95
C PHE A 156 5.56 2.02 11.46
N ARG A 157 6.77 2.03 12.00
CA ARG A 157 7.70 3.13 11.72
C ARG A 157 8.91 2.76 10.88
N THR A 158 9.59 1.67 11.26
CA THR A 158 10.89 1.37 10.69
C THR A 158 11.25 -0.08 10.92
N LEU A 159 12.12 -0.64 10.08
CA LEU A 159 12.60 -1.99 10.31
C LEU A 159 13.39 -2.05 11.61
N ASP A 160 13.86 -0.91 12.07
CA ASP A 160 14.66 -0.88 13.31
C ASP A 160 13.86 -1.26 14.56
N ASP A 161 12.53 -1.28 14.45
CA ASP A 161 11.66 -1.62 15.57
C ASP A 161 11.43 -3.12 15.68
N ILE A 162 11.78 -3.85 14.63
CA ILE A 162 11.54 -5.28 14.61
C ILE A 162 12.67 -6.01 15.33
N GLU A 163 12.31 -6.94 16.21
CA GLU A 163 13.32 -7.74 16.90
C GLU A 163 14.00 -8.67 15.91
N SER A 164 15.27 -8.98 16.17
CA SER A 164 16.01 -9.94 15.37
C SER A 164 15.26 -11.27 15.35
N LYS A 165 14.59 -11.57 16.47
CA LYS A 165 13.81 -12.78 16.63
C LYS A 165 12.67 -12.85 15.62
N ASP A 166 12.12 -11.70 15.28
CA ASP A 166 10.97 -11.64 14.39
C ASP A 166 11.37 -11.53 12.92
N ALA A 167 10.85 -12.46 12.11
CA ALA A 167 11.23 -12.56 10.72
C ALA A 167 10.69 -11.41 9.89
N ILE A 168 11.47 -10.99 8.91
CA ILE A 168 11.06 -9.98 7.95
C ILE A 168 11.17 -10.57 6.54
N PRO A 169 10.41 -10.02 5.58
CA PRO A 169 10.39 -10.60 4.23
C PRO A 169 11.75 -10.53 3.56
N ASN A 170 11.99 -11.44 2.62
CA ASN A 170 13.25 -11.49 1.90
CA ASN A 170 13.23 -11.50 1.88
C ASN A 170 13.68 -10.16 1.29
N PHE A 171 12.72 -9.42 0.74
CA PHE A 171 13.08 -8.20 0.00
C PHE A 171 13.56 -7.07 0.90
N LEU A 172 13.37 -7.23 2.20
CA LEU A 172 13.77 -6.19 3.16
C LEU A 172 14.98 -6.64 3.99
N GLN A 173 15.53 -7.81 3.66
CA GLN A 173 16.61 -8.38 4.48
C GLN A 173 17.99 -7.89 4.07
N LYS A 174 18.95 -8.07 4.98
CA LYS A 174 20.37 -7.81 4.71
C LYS A 174 20.72 -6.33 4.54
N LYS A 175 19.84 -5.44 5.03
CA LYS A 175 20.14 -4.02 4.95
C LYS A 175 21.27 -3.65 5.91
N THR A 176 22.26 -2.93 5.39
CA THR A 176 23.34 -2.38 6.21
C THR A 176 23.50 -0.89 5.93
N GLY A 177 24.14 -0.19 6.87
CA GLY A 177 24.38 1.23 6.73
C GLY A 177 23.10 2.06 6.73
N ARG A 178 23.08 3.08 5.87
CA ARG A 178 21.92 3.95 5.74
C ARG A 178 20.72 3.19 5.20
N LYS A 179 19.66 3.09 6.01
CA LYS A 179 18.44 2.47 5.53
C LYS A 179 17.52 3.51 4.91
N ASP A 180 16.86 3.13 3.84
CA ASP A 180 15.82 3.95 3.26
C ASP A 180 14.60 3.98 4.20
N PRO A 181 13.76 5.01 4.06
CA PRO A 181 12.48 4.99 4.79
C PRO A 181 11.70 3.76 4.39
N LEU A 182 10.94 3.20 5.31
CA LEU A 182 10.25 1.92 5.08
C LEU A 182 9.24 1.97 3.94
N LEU A 183 8.49 3.07 3.84
CA LEU A 183 7.58 3.25 2.71
C LEU A 183 8.30 3.24 1.38
N PHE A 184 9.49 3.84 1.32
CA PHE A 184 10.28 3.86 0.10
C PHE A 184 10.63 2.40 -0.29
N SER A 185 11.05 1.62 0.71
CA SER A 185 11.43 0.23 0.48
C SER A 185 10.27 -0.59 -0.04
N ILE A 186 9.12 -0.41 0.58
CA ILE A 186 7.90 -1.11 0.16
C ILE A 186 7.50 -0.72 -1.28
N LEU A 187 7.46 0.58 -1.56
CA LEU A 187 7.03 1.01 -2.89
C LEU A 187 8.02 0.62 -3.98
N ARG A 188 9.31 0.67 -3.69
CA ARG A 188 10.29 0.26 -4.69
C ARG A 188 10.12 -1.21 -5.10
N GLU A 189 9.70 -2.03 -4.15
CA GLU A 189 9.41 -3.44 -4.43
C GLU A 189 8.13 -3.59 -5.25
N ILE A 190 7.00 -3.12 -4.73
CA ILE A 190 5.71 -3.44 -5.34
C ILE A 190 5.47 -2.73 -6.69
N LEU A 191 6.12 -1.59 -6.92
CA LEU A 191 5.95 -0.92 -8.19
C LEU A 191 6.68 -1.65 -9.32
N ASN A 192 7.55 -2.59 -8.94
CA ASN A 192 8.44 -3.22 -9.90
CA ASN A 192 8.47 -3.23 -9.87
C ASN A 192 8.18 -4.71 -10.14
N TYR A 193 6.93 -5.12 -10.00
CA TYR A 193 6.56 -6.46 -10.41
C TYR A 193 5.86 -6.39 -11.76
N LYS A 194 6.50 -6.92 -12.80
CA LYS A 194 5.95 -6.91 -14.16
C LYS A 194 5.54 -5.50 -14.60
N PHE A 195 6.40 -4.53 -14.32
CA PHE A 195 6.10 -3.13 -14.59
C PHE A 195 5.62 -2.89 -16.00
N LYS A 196 6.19 -3.61 -16.97
CA LYS A 196 5.88 -3.33 -18.36
C LYS A 196 4.42 -3.61 -18.75
N LEU A 197 3.70 -4.38 -17.92
CA LEU A 197 2.28 -4.66 -18.15
C LEU A 197 1.36 -3.52 -17.73
N GLY A 198 1.86 -2.61 -16.89
CA GLY A 198 1.12 -1.40 -16.55
C GLY A 198 0.20 -1.49 -15.34
N PHE A 199 0.05 -2.68 -14.75
CA PHE A 199 -0.80 -2.78 -13.56
C PHE A 199 -0.25 -2.04 -12.34
N THR A 200 1.07 -1.97 -12.19
CA THR A 200 1.59 -1.31 -11.00
C THR A 200 1.48 0.20 -11.07
N THR A 201 1.25 0.75 -12.26
CA THR A 201 1.09 2.19 -12.37
C THR A 201 -0.13 2.63 -11.55
N THR A 202 -1.12 1.76 -11.42
CA THR A 202 -2.30 2.08 -10.62
C THR A 202 -2.04 2.08 -9.10
N ILE A 203 -0.99 1.40 -8.65
CA ILE A 203 -0.60 1.50 -7.25
C ILE A 203 -0.07 2.92 -7.02
N ALA A 204 0.72 3.40 -7.97
CA ALA A 204 1.34 4.71 -7.84
C ALA A 204 0.28 5.80 -7.80
N THR A 205 -0.70 5.72 -8.72
CA THR A 205 -1.74 6.75 -8.76
C THR A 205 -2.65 6.69 -7.56
N ALA A 206 -2.99 5.48 -7.11
CA ALA A 206 -3.82 5.34 -5.93
C ALA A 206 -3.12 5.90 -4.72
N PHE A 207 -1.81 5.72 -4.65
CA PHE A 207 -1.07 6.15 -3.47
C PHE A 207 -0.97 7.67 -3.38
N ILE A 208 -0.67 8.32 -4.50
CA ILE A 208 -0.54 9.78 -4.46
C ILE A 208 -1.87 10.45 -4.19
N LYS A 209 -2.97 9.86 -4.65
CA LYS A 209 -4.29 10.46 -4.45
C LYS A 209 -4.69 10.46 -2.99
N LYS A 210 -4.37 9.36 -2.30
CA LYS A 210 -4.77 9.19 -0.91
C LYS A 210 -3.79 9.82 0.07
N PHE A 211 -2.53 9.94 -0.31
CA PHE A 211 -1.51 10.44 0.60
C PHE A 211 -0.74 11.62 0.05
N ALA A 212 -1.47 12.55 -0.58
CA ALA A 212 -0.88 13.71 -1.26
C ALA A 212 0.12 14.55 -0.46
N PRO A 213 -0.13 14.78 0.84
CA PRO A 213 0.85 15.60 1.54
C PRO A 213 2.27 15.02 1.53
N LEU A 214 2.42 13.72 1.29
CA LEU A 214 3.76 13.15 1.20
C LEU A 214 4.46 13.58 -0.08
N PHE A 215 3.70 14.13 -1.04
CA PHE A 215 4.25 14.39 -2.37
C PHE A 215 4.29 15.87 -2.74
N ARG A 216 3.80 16.70 -1.83
CA ARG A 216 3.81 18.14 -2.04
CA ARG A 216 3.80 18.14 -2.03
C ARG A 216 4.69 18.84 -1.02
N ASP A 217 5.80 19.39 -1.50
CA ASP A 217 6.80 19.97 -0.59
C ASP A 217 6.25 21.08 0.31
N ASP A 218 5.30 21.85 -0.20
CA ASP A 218 4.71 22.92 0.59
C ASP A 218 3.72 22.42 1.65
N ASP A 219 3.25 21.19 1.50
CA ASP A 219 2.28 20.65 2.44
C ASP A 219 2.99 20.06 3.66
N ASN A 220 3.01 20.80 4.76
CA ASN A 220 3.69 20.36 5.97
C ASN A 220 2.77 19.70 7.00
N SER A 221 1.51 19.47 6.63
CA SER A 221 0.51 18.98 7.56
C SER A 221 0.86 17.67 8.27
N TRP A 222 1.66 16.83 7.62
CA TRP A 222 2.01 15.53 8.21
C TRP A 222 3.45 15.44 8.72
N ASP A 223 4.18 16.56 8.72
CA ASP A 223 5.57 16.56 9.16
C ASP A 223 5.77 15.98 10.56
N ASP A 224 4.83 16.23 11.47
CA ASP A 224 4.94 15.73 12.84
C ASP A 224 4.67 14.23 12.92
N LEU A 225 4.14 13.68 11.84
CA LEU A 225 3.75 12.28 11.83
C LEU A 225 4.81 11.40 11.20
N ILE A 226 5.76 12.03 10.51
CA ILE A 226 6.74 11.32 9.71
C ILE A 226 7.93 10.91 10.58
N TYR A 227 8.34 9.65 10.45
CA TYR A 227 9.43 9.10 11.27
C TYR A 227 10.80 9.68 10.91
N ASP A 228 11.16 9.55 9.63
CA ASP A 228 12.46 9.98 9.13
C ASP A 228 12.22 11.14 8.16
N SER A 229 12.82 12.29 8.44
CA SER A 229 12.57 13.49 7.62
C SER A 229 12.95 13.35 6.15
N LYS A 230 13.75 12.33 5.83
CA LYS A 230 14.11 12.05 4.44
C LYS A 230 12.98 11.46 3.61
N LEU A 231 11.87 11.11 4.25
CA LEU A 231 10.81 10.37 3.55
C LEU A 231 10.24 11.10 2.34
N LYS A 232 9.85 12.35 2.51
CA LYS A 232 9.24 13.08 1.38
C LYS A 232 10.19 13.20 0.18
N GLY A 233 11.47 13.46 0.45
CA GLY A 233 12.48 13.52 -0.58
C GLY A 233 12.68 12.19 -1.30
N ALA A 234 12.69 11.11 -0.52
CA ALA A 234 12.90 9.77 -1.06
C ALA A 234 11.73 9.39 -1.94
N LEU A 235 10.53 9.67 -1.46
CA LEU A 235 9.33 9.34 -2.22
C LEU A 235 9.21 10.17 -3.50
N GLN A 236 9.59 11.44 -3.43
CA GLN A 236 9.57 12.29 -4.60
C GLN A 236 10.56 11.76 -5.66
N SER A 237 11.72 11.32 -5.21
CA SER A 237 12.72 10.77 -6.13
C SER A 237 12.21 9.49 -6.77
N LEU A 238 11.67 8.60 -5.94
CA LEU A 238 11.12 7.34 -6.43
C LEU A 238 10.01 7.54 -7.44
N PHE A 239 9.10 8.47 -7.14
CA PHE A 239 7.95 8.63 -8.02
C PHE A 239 8.30 9.37 -9.30
N LYS A 240 9.22 10.32 -9.24
CA LYS A 240 9.69 11.01 -10.44
C LYS A 240 10.44 10.05 -11.38
N ASN A 241 11.23 9.14 -10.82
CA ASN A 241 11.81 8.08 -11.63
C ASN A 241 10.75 7.17 -12.24
N PHE A 242 9.72 6.88 -11.45
CA PHE A 242 8.64 6.01 -11.92
C PHE A 242 7.88 6.71 -13.02
N ILE A 243 7.71 8.02 -12.88
CA ILE A 243 7.00 8.78 -13.90
C ILE A 243 7.79 8.82 -15.21
N ASP A 244 9.10 8.99 -15.14
CA ASP A 244 9.93 8.97 -16.35
C ASP A 244 9.72 7.64 -17.07
N ALA A 245 9.70 6.57 -16.31
CA ALA A 245 9.55 5.22 -16.85
C ALA A 245 8.18 5.02 -17.45
N THR A 246 7.16 5.52 -16.77
CA THR A 246 5.78 5.41 -17.23
C THR A 246 5.57 6.23 -18.51
N PHE A 247 6.09 7.45 -18.53
CA PHE A 247 5.99 8.28 -19.74
C PHE A 247 6.69 7.60 -20.92
N ALA A 248 7.87 7.02 -20.66
CA ALA A 248 8.66 6.38 -21.71
C ALA A 248 7.94 5.17 -22.30
N ARG A 249 7.39 4.34 -21.43
CA ARG A 249 6.65 3.17 -21.88
C ARG A 249 5.37 3.57 -22.61
N ALA A 250 4.70 4.61 -22.11
CA ALA A 250 3.51 5.11 -22.78
C ALA A 250 3.81 5.58 -24.20
N THR A 251 4.95 6.26 -24.36
CA THR A 251 5.38 6.74 -25.66
C THR A 251 5.71 5.60 -26.60
N GLU A 252 6.40 4.59 -26.08
CA GLU A 252 6.73 3.40 -26.87
C GLU A 252 5.47 2.70 -27.36
N LEU A 253 4.53 2.54 -26.46
CA LEU A 253 3.27 1.85 -26.78
C LEU A 253 2.45 2.68 -27.75
N HIS A 254 2.47 4.00 -27.57
CA HIS A 254 1.73 4.93 -28.43
C HIS A 254 2.18 4.79 -29.88
N LYS A 255 3.50 4.76 -30.06
CA LYS A 255 4.06 4.59 -31.40
C LYS A 255 3.66 3.26 -32.02
N LYS A 256 3.71 2.19 -31.21
CA LYS A 256 3.32 0.86 -31.71
C LYS A 256 1.84 0.74 -32.04
N VAL A 257 0.95 1.21 -31.16
CA VAL A 257 -0.47 1.07 -31.45
C VAL A 257 -0.91 1.93 -32.64
N ASN A 258 -0.34 3.12 -32.77
N ASN A 258 -0.37 3.13 -32.81
CA ASN A 258 -0.66 3.95 -33.91
CA ASN A 258 -0.79 3.88 -33.99
C ASN A 258 -0.17 3.36 -35.24
C ASN A 258 -0.14 3.41 -35.30
N LYS A 259 1.02 2.76 -35.22
CA LYS A 259 1.57 2.12 -36.41
C LYS A 259 0.71 0.94 -36.84
N LEU A 260 0.35 0.11 -35.87
CA LEU A 260 -0.47 -1.08 -36.18
C LEU A 260 -1.86 -0.67 -36.67
N GLN A 261 -2.43 0.35 -36.03
CA GLN A 261 -3.73 0.84 -36.45
C GLN A 261 -3.68 1.38 -37.88
N ARG A 262 -2.61 2.10 -38.21
CA ARG A 262 -2.48 2.69 -39.54
C ARG A 262 -2.36 1.60 -40.58
N GLU A 263 -1.54 0.58 -40.31
CA GLU A 263 -1.40 -0.51 -41.27
C GLU A 263 -2.71 -1.28 -41.45
N HIS A 264 -3.45 -1.49 -40.36
CA HIS A 264 -4.74 -2.17 -40.40
C HIS A 264 -5.71 -1.36 -41.27
N GLN A 265 -5.71 -0.06 -41.07
CA GLN A 265 -6.64 0.79 -41.79
C GLN A 265 -6.33 0.82 -43.27
N LYS A 266 -5.05 0.87 -43.62
CA LYS A 266 -4.64 0.83 -45.02
C LYS A 266 -5.03 -0.49 -45.64
N CYS A 267 -4.88 -1.57 -44.88
CA CYS A 267 -5.24 -2.90 -45.36
C CYS A 267 -6.73 -3.00 -45.66
N GLN A 268 -7.54 -2.46 -44.76
CA GLN A 268 -8.99 -2.55 -44.89
C GLN A 268 -9.45 -1.75 -46.11
N ILE A 269 -8.79 -0.63 -46.38
CA ILE A 269 -9.07 0.15 -47.59
C ILE A 269 -8.76 -0.66 -48.85
N ARG A 270 -7.67 -1.41 -48.82
CA ARG A 270 -7.25 -2.23 -49.95
C ARG A 270 -8.18 -3.42 -50.19
N THR A 271 -8.45 -4.18 -49.13
CA THR A 271 -9.07 -5.49 -49.27
C THR A 271 -10.52 -5.58 -48.78
N GLY A 272 -10.94 -4.66 -47.92
CA GLY A 272 -12.27 -4.74 -47.33
C GLY A 272 -12.42 -5.71 -46.16
N LYS A 273 -11.35 -6.45 -45.86
CA LYS A 273 -11.35 -7.41 -44.76
C LYS A 273 -11.41 -6.75 -43.39
N LEU A 274 -12.24 -7.27 -42.49
CA LEU A 274 -12.33 -6.72 -41.14
C LEU A 274 -11.06 -6.98 -40.35
N ARG A 275 -10.45 -8.14 -40.54
CA ARG A 275 -9.31 -8.54 -39.73
C ARG A 275 -8.08 -8.77 -40.58
N ASP A 276 -6.92 -8.59 -39.97
CA ASP A 276 -5.62 -8.79 -40.60
C ASP A 276 -4.63 -8.90 -39.46
N GLU A 277 -3.36 -9.16 -39.78
CA GLU A 277 -2.37 -9.42 -38.75
C GLU A 277 -2.08 -8.19 -37.87
N TYR A 278 -2.34 -7.00 -38.44
CA TYR A 278 -2.02 -5.77 -37.71
C TYR A 278 -3.02 -5.50 -36.60
N VAL A 279 -4.31 -5.66 -36.89
CA VAL A 279 -5.30 -5.42 -35.85
C VAL A 279 -5.28 -6.52 -34.78
N GLU A 280 -4.86 -7.73 -35.15
CA GLU A 280 -4.70 -8.79 -34.17
C GLU A 280 -3.62 -8.47 -33.13
N GLU A 281 -2.50 -7.91 -33.59
CA GLU A 281 -1.45 -7.52 -32.66
C GLU A 281 -1.87 -6.27 -31.89
N TYR A 282 -2.53 -5.37 -32.58
CA TYR A 282 -3.06 -4.14 -31.97
C TYR A 282 -3.94 -4.47 -30.78
N ASP A 283 -4.84 -5.44 -30.95
CA ASP A 283 -5.77 -5.83 -29.89
C ASP A 283 -5.06 -6.29 -28.60
N LYS A 284 -3.90 -6.92 -28.77
CA LYS A 284 -3.09 -7.35 -27.63
C LYS A 284 -2.39 -6.21 -26.91
N LEU A 285 -2.00 -5.18 -27.67
CA LEU A 285 -1.25 -4.06 -27.09
C LEU A 285 -2.13 -2.96 -26.53
N LEU A 286 -3.32 -2.79 -27.11
CA LEU A 286 -4.16 -1.64 -26.75
C LEU A 286 -4.48 -1.52 -25.25
N PRO A 287 -4.90 -2.62 -24.59
CA PRO A 287 -5.20 -2.50 -23.16
C PRO A 287 -3.98 -2.08 -22.33
N ILE A 288 -2.78 -2.50 -22.76
CA ILE A 288 -1.57 -2.10 -22.05
C ILE A 288 -1.35 -0.62 -22.29
N PHE A 289 -1.51 -0.18 -23.54
CA PHE A 289 -1.38 1.24 -23.84
C PHE A 289 -2.35 2.07 -23.02
N ILE A 290 -3.60 1.60 -22.94
CA ILE A 290 -4.61 2.36 -22.20
C ILE A 290 -4.24 2.46 -20.71
N ARG A 291 -3.70 1.40 -20.13
CA ARG A 291 -3.26 1.47 -18.73
C ARG A 291 -2.17 2.53 -18.54
N PHE A 292 -1.19 2.53 -19.44
CA PHE A 292 -0.12 3.51 -19.33
C PHE A 292 -0.57 4.95 -19.59
N LYS A 293 -1.46 5.12 -20.57
CA LYS A 293 -1.92 6.46 -20.89
C LYS A 293 -2.75 7.05 -19.74
N THR A 294 -3.67 6.24 -19.21
CA THR A 294 -4.51 6.69 -18.10
C THR A 294 -3.65 7.10 -16.92
N SER A 295 -2.65 6.29 -16.62
CA SER A 295 -1.76 6.58 -15.50
C SER A 295 -0.84 7.77 -15.78
N ALA A 296 -0.31 7.85 -17.00
CA ALA A 296 0.49 9.00 -17.42
C ALA A 296 -0.27 10.31 -17.20
N ILE A 297 -1.56 10.32 -17.56
CA ILE A 297 -2.36 11.53 -17.46
C ILE A 297 -2.56 11.92 -16.00
N THR A 298 -2.88 10.94 -15.18
CA THR A 298 -3.11 11.17 -13.77
C THR A 298 -1.84 11.65 -13.07
N LEU A 299 -0.72 10.99 -13.37
CA LEU A 299 0.55 11.37 -12.74
C LEU A 299 0.94 12.78 -13.17
N GLY A 300 0.73 13.06 -14.46
CA GLY A 300 1.05 14.37 -14.99
C GLY A 300 0.20 15.47 -14.37
N GLU A 301 -1.08 15.21 -14.21
CA GLU A 301 -1.97 16.19 -13.58
C GLU A 301 -1.53 16.48 -12.15
N PHE A 302 -1.28 15.43 -11.39
CA PHE A 302 -0.92 15.56 -9.97
C PHE A 302 0.37 16.37 -9.80
N PHE A 303 1.41 15.99 -10.54
CA PHE A 303 2.72 16.63 -10.37
C PHE A 303 2.89 17.87 -11.24
N LYS A 304 1.81 18.28 -11.91
CA LYS A 304 1.79 19.49 -12.73
C LYS A 304 2.87 19.46 -13.81
N LEU A 305 2.86 18.37 -14.57
CA LEU A 305 3.86 18.16 -15.60
C LEU A 305 3.10 17.99 -16.91
N GLU A 306 3.71 18.33 -18.03
CA GLU A 306 3.10 18.02 -19.31
C GLU A 306 3.43 16.59 -19.73
N ILE A 307 2.43 15.92 -20.28
CA ILE A 307 2.49 14.53 -20.74
C ILE A 307 3.08 14.49 -22.14
N PRO A 308 3.75 13.39 -22.51
CA PRO A 308 4.13 13.26 -23.92
C PRO A 308 2.87 13.17 -24.78
N GLU A 309 3.01 13.38 -26.08
CA GLU A 309 1.89 13.22 -27.01
C GLU A 309 1.40 11.78 -26.97
N LEU A 310 0.13 11.60 -26.62
CA LEU A 310 -0.44 10.25 -26.53
C LEU A 310 -1.76 10.11 -27.27
N HIS A 311 -2.02 10.95 -28.25
CA HIS A 311 -3.28 10.86 -28.99
C HIS A 311 -3.50 9.47 -29.59
N HIS A 312 -4.70 8.93 -29.41
CA HIS A 312 -5.08 7.70 -30.06
C HIS A 312 -6.58 7.60 -30.10
N HIS A 313 -7.11 7.39 -31.30
CA HIS A 313 -8.54 7.29 -31.49
C HIS A 313 -8.88 5.82 -31.74
N HIS A 314 -9.61 5.22 -30.81
CA HIS A 314 -9.86 3.78 -30.88
C HIS A 314 -11.34 3.45 -30.82
N HIS A 315 -11.65 2.22 -31.22
CA HIS A 315 -13.02 1.71 -31.23
C HIS A 315 -13.94 2.58 -32.09
#